data_6T32
#
_entry.id   6T32
#
_cell.length_a   57.330
_cell.length_b   85.085
_cell.length_c   99.444
_cell.angle_alpha   90.000
_cell.angle_beta   90.000
_cell.angle_gamma   90.000
#
_symmetry.space_group_name_H-M   'C 2 2 21'
#
loop_
_entity.id
_entity.type
_entity.pdbx_description
1 polymer Streptavidin
2 non-polymer 5-[(3~{a}~{S},4~{S},6~{a}~{R})-2-oxidanylidene-1,3,3~{a},4,6,6~{a}-hexahydrothieno[3,4-d]imidazol-4-yl]-~{N}-(1-pyridin-4-ylpiperidin-4-yl)pentanamide
3 water water
#
_entity_poly.entity_id   1
_entity_poly.type   'polypeptide(L)'
_entity_poly.pdbx_seq_one_letter_code
;MASMTGGQQMGRDEAGITGTWYNQLGSTFIVTAGADGALTGTYESAAGKAESRYVLTGRYDSAPATDGSGTALGWTVAWK
NNYRNAHSATTWSGQYVGGAEARINTQWLLTIGATEANGWASTYVGHDTFTKVKPSAASIDAAKKAGVNNGNPLDAVQQ
;
_entity_poly.pdbx_strand_id   A,B
#
# COMPACT_ATOMS: atom_id res chain seq x y z
N ALA A 15 20.92 -15.52 2.41
CA ALA A 15 19.62 -15.51 1.73
C ALA A 15 18.53 -14.77 2.56
N GLY A 16 18.44 -15.09 3.87
CA GLY A 16 17.68 -14.32 4.85
C GLY A 16 16.17 -14.50 4.86
N ILE A 17 15.59 -15.00 3.78
CA ILE A 17 14.13 -14.99 3.64
C ILE A 17 13.51 -16.15 4.42
N THR A 18 14.17 -17.29 4.46
CA THR A 18 13.59 -18.44 5.14
C THR A 18 13.37 -18.12 6.62
N GLY A 19 12.18 -18.42 7.14
CA GLY A 19 11.87 -18.16 8.52
C GLY A 19 10.38 -17.97 8.73
N THR A 20 10.07 -17.51 9.92
CA THR A 20 8.69 -17.20 10.31
C THR A 20 8.60 -15.69 10.46
N TRP A 21 7.69 -15.09 9.71
CA TRP A 21 7.46 -13.67 9.69
C TRP A 21 6.04 -13.39 10.15
N TYR A 22 5.83 -12.18 10.66
CA TYR A 22 4.53 -11.73 11.15
C TYR A 22 4.31 -10.34 10.56
N ASN A 23 3.09 -10.06 10.11
CA ASN A 23 2.84 -8.71 9.64
C ASN A 23 2.15 -7.89 10.72
N GLN A 24 1.72 -6.68 10.34
CA GLN A 24 1.15 -5.77 11.33
C GLN A 24 -0.24 -6.19 11.80
N LEU A 25 -0.90 -7.11 11.09
CA LEU A 25 -2.18 -7.64 11.53
C LEU A 25 -2.02 -8.82 12.48
N GLY A 26 -0.79 -9.31 12.66
CA GLY A 26 -0.55 -10.52 13.42
C GLY A 26 -0.65 -11.82 12.64
N SER A 27 -0.77 -11.75 11.32
CA SER A 27 -0.75 -12.94 10.47
C SER A 27 0.65 -13.52 10.45
N THR A 28 0.72 -14.82 10.22
CA THR A 28 1.96 -15.58 10.34
C THR A 28 2.31 -16.17 8.98
N PHE A 29 3.53 -15.88 8.53
CA PHE A 29 4.03 -16.21 7.21
C PHE A 29 5.24 -17.10 7.44
N ILE A 30 5.08 -18.41 7.20
CA ILE A 30 6.14 -19.39 7.41
C ILE A 30 6.63 -19.80 6.05
N VAL A 31 7.89 -19.48 5.73
CA VAL A 31 8.34 -19.59 4.36
C VAL A 31 9.74 -20.23 4.30
N THR A 32 9.98 -20.94 3.20
CA THR A 32 11.28 -21.49 2.86
C THR A 32 11.64 -21.01 1.47
N ALA A 33 12.79 -20.33 1.36
CA ALA A 33 13.32 -19.86 0.09
C ALA A 33 14.27 -20.91 -0.47
N GLY A 34 13.89 -21.54 -1.59
CA GLY A 34 14.66 -22.65 -2.13
C GLY A 34 15.76 -22.21 -3.07
N ALA A 35 16.73 -23.11 -3.30
CA ALA A 35 17.85 -22.81 -4.21
C ALA A 35 17.38 -22.53 -5.65
N ASP A 36 16.21 -23.03 -6.06
CA ASP A 36 15.71 -22.78 -7.40
C ASP A 36 14.99 -21.42 -7.58
N GLY A 37 14.93 -20.55 -6.56
CA GLY A 37 14.11 -19.35 -6.65
C GLY A 37 12.69 -19.50 -6.16
N ALA A 38 12.32 -20.65 -5.62
CA ALA A 38 10.95 -20.86 -5.17
C ALA A 38 10.75 -20.43 -3.72
N LEU A 39 9.56 -19.94 -3.43
CA LEU A 39 9.08 -19.76 -2.08
C LEU A 39 7.98 -20.79 -1.83
N THR A 40 8.01 -21.39 -0.63
N THR A 40 8.10 -21.52 -0.71
CA THR A 40 7.09 -22.47 -0.28
CA THR A 40 7.05 -22.40 -0.24
C THR A 40 6.84 -22.38 1.22
C THR A 40 6.72 -22.04 1.19
N GLY A 41 5.58 -22.51 1.63
CA GLY A 41 5.27 -22.40 3.05
C GLY A 41 3.78 -22.38 3.32
N THR A 42 3.43 -21.78 4.45
CA THR A 42 2.05 -21.64 4.88
C THR A 42 1.81 -20.20 5.33
N TYR A 43 0.55 -19.80 5.22
CA TYR A 43 0.10 -18.48 5.64
C TYR A 43 -1.12 -18.66 6.53
N GLU A 44 -1.12 -17.97 7.68
CA GLU A 44 -2.27 -17.94 8.58
C GLU A 44 -2.67 -16.48 8.74
N SER A 45 -3.87 -16.12 8.31
CA SER A 45 -4.28 -14.71 8.36
C SER A 45 -4.99 -14.44 9.68
N ALA A 46 -4.58 -13.36 10.36
CA ALA A 46 -5.29 -12.91 11.55
C ALA A 46 -6.55 -12.13 11.22
N ALA A 47 -6.84 -11.92 9.95
CA ALA A 47 -7.97 -11.10 9.53
C ALA A 47 -8.73 -11.80 8.41
N GLY A 48 -10.03 -11.50 8.32
CA GLY A 48 -10.79 -11.93 7.15
C GLY A 48 -11.40 -13.30 7.31
N LYS A 49 -11.87 -13.83 6.19
CA LYS A 49 -12.63 -15.09 6.14
C LYS A 49 -11.58 -16.19 5.98
N ALA A 50 -10.91 -16.49 7.10
CA ALA A 50 -9.72 -17.35 7.06
C ALA A 50 -9.54 -17.96 8.42
N GLU A 51 -9.14 -19.23 8.43
CA GLU A 51 -8.80 -19.84 9.69
C GLU A 51 -7.71 -20.88 9.44
N SER A 52 -6.81 -21.01 10.41
CA SER A 52 -5.70 -21.98 10.36
C SER A 52 -4.79 -21.65 9.18
N ARG A 53 -4.06 -22.64 8.68
CA ARG A 53 -3.01 -22.40 7.70
C ARG A 53 -3.47 -22.67 6.26
N TYR A 54 -2.88 -21.93 5.33
CA TYR A 54 -3.12 -22.04 3.90
C TYR A 54 -1.80 -22.25 3.20
N VAL A 55 -1.80 -23.08 2.16
CA VAL A 55 -0.63 -23.25 1.32
C VAL A 55 -0.29 -21.96 0.61
N LEU A 56 1.02 -21.64 0.52
CA LEU A 56 1.46 -20.55 -0.33
C LEU A 56 2.57 -21.04 -1.24
N THR A 57 2.69 -20.38 -2.39
N THR A 57 2.65 -20.42 -2.42
CA THR A 57 3.84 -20.59 -3.26
CA THR A 57 3.81 -20.56 -3.29
C THR A 57 4.17 -19.29 -3.99
C THR A 57 4.22 -19.19 -3.80
N GLY A 58 5.45 -19.09 -4.25
CA GLY A 58 5.89 -17.85 -4.86
C GLY A 58 7.31 -17.98 -5.40
N ARG A 59 7.90 -16.82 -5.69
CA ARG A 59 9.23 -16.78 -6.32
C ARG A 59 10.01 -15.63 -5.71
N TYR A 60 11.34 -15.74 -5.76
CA TYR A 60 12.18 -14.63 -5.30
C TYR A 60 13.42 -14.58 -6.16
N ASP A 61 14.03 -13.40 -6.24
CA ASP A 61 15.31 -13.26 -6.93
C ASP A 61 16.41 -13.96 -6.13
N SER A 62 16.88 -15.11 -6.64
CA SER A 62 17.91 -15.86 -5.95
C SER A 62 19.34 -15.31 -6.14
N ALA A 63 19.53 -14.21 -6.87
CA ALA A 63 20.86 -13.60 -7.03
C ALA A 63 20.69 -12.10 -7.12
N PRO A 64 20.32 -11.46 -6.01
CA PRO A 64 20.00 -10.02 -6.06
C PRO A 64 21.24 -9.17 -6.21
N ALA A 65 20.99 -7.90 -6.55
CA ALA A 65 22.04 -6.89 -6.59
C ALA A 65 22.78 -6.83 -5.26
N THR A 66 24.02 -6.36 -5.30
CA THR A 66 24.85 -6.22 -4.12
C THR A 66 25.11 -4.76 -3.78
N ASP A 67 24.23 -3.88 -4.24
CA ASP A 67 24.41 -2.43 -4.11
C ASP A 67 23.57 -1.85 -2.99
N GLY A 68 23.04 -2.70 -2.11
CA GLY A 68 22.14 -2.27 -1.07
C GLY A 68 20.67 -2.36 -1.41
N SER A 69 20.31 -2.76 -2.63
CA SER A 69 18.91 -3.03 -2.97
C SER A 69 18.39 -4.25 -2.24
N GLY A 70 17.08 -4.25 -1.97
CA GLY A 70 16.36 -5.40 -1.45
C GLY A 70 16.20 -6.50 -2.49
N THR A 71 15.64 -7.60 -2.03
CA THR A 71 15.48 -8.80 -2.85
C THR A 71 14.03 -8.92 -3.25
N ALA A 72 13.76 -8.80 -4.55
CA ALA A 72 12.38 -8.82 -5.02
C ALA A 72 11.79 -10.22 -4.91
N LEU A 73 10.50 -10.29 -4.60
CA LEU A 73 9.83 -11.58 -4.39
C LEU A 73 8.32 -11.37 -4.48
N GLY A 74 7.59 -12.49 -4.53
CA GLY A 74 6.15 -12.39 -4.40
C GLY A 74 5.61 -13.76 -4.07
N TRP A 75 4.38 -13.82 -3.56
CA TRP A 75 3.78 -15.14 -3.37
C TRP A 75 2.27 -15.03 -3.39
N THR A 76 1.62 -16.19 -3.50
CA THR A 76 0.17 -16.27 -3.66
C THR A 76 -0.40 -17.22 -2.60
N VAL A 77 -1.54 -16.84 -2.02
CA VAL A 77 -2.38 -17.75 -1.23
C VAL A 77 -3.76 -17.79 -1.89
N ALA A 78 -4.27 -19.00 -2.16
CA ALA A 78 -5.70 -19.17 -2.43
C ALA A 78 -6.37 -19.55 -1.12
N TRP A 79 -7.46 -18.86 -0.78
CA TRP A 79 -8.01 -18.95 0.57
C TRP A 79 -8.95 -20.17 0.70
N LYS A 80 -8.44 -21.33 0.32
CA LYS A 80 -9.08 -22.62 0.52
C LYS A 80 -8.12 -23.51 1.30
N ASN A 81 -8.63 -24.16 2.35
CA ASN A 81 -7.90 -25.23 3.01
C ASN A 81 -8.91 -26.31 3.40
N ASN A 82 -8.51 -27.23 4.28
CA ASN A 82 -9.43 -28.31 4.63
C ASN A 82 -10.61 -27.82 5.45
N TYR A 83 -10.59 -26.59 5.95
CA TYR A 83 -11.62 -26.13 6.87
C TYR A 83 -12.58 -25.14 6.27
N ARG A 84 -12.15 -24.42 5.24
CA ARG A 84 -13.08 -23.51 4.62
C ARG A 84 -12.51 -22.99 3.32
N ASN A 85 -13.38 -22.36 2.56
CA ASN A 85 -13.04 -21.85 1.24
C ASN A 85 -13.70 -20.49 1.10
N ALA A 86 -12.89 -19.43 1.03
CA ALA A 86 -13.39 -18.08 0.86
C ALA A 86 -13.39 -17.62 -0.59
N HIS A 87 -13.19 -18.54 -1.54
CA HIS A 87 -13.32 -18.21 -2.97
C HIS A 87 -12.61 -16.90 -3.33
N SER A 88 -11.33 -16.82 -2.92
CA SER A 88 -10.57 -15.61 -3.11
C SER A 88 -9.09 -15.97 -3.06
N ALA A 89 -8.25 -15.05 -3.53
CA ALA A 89 -6.81 -15.29 -3.51
C ALA A 89 -6.12 -13.96 -3.31
N THR A 90 -5.00 -13.99 -2.61
CA THR A 90 -4.18 -12.80 -2.41
C THR A 90 -2.79 -13.06 -2.98
N THR A 91 -2.26 -12.08 -3.70
CA THR A 91 -0.84 -12.09 -4.03
C THR A 91 -0.16 -10.94 -3.32
N TRP A 92 1.03 -11.21 -2.83
CA TRP A 92 1.87 -10.20 -2.22
C TRP A 92 3.08 -10.01 -3.11
N SER A 93 3.41 -8.74 -3.40
N SER A 93 3.42 -8.77 -3.41
CA SER A 93 4.57 -8.42 -4.22
CA SER A 93 4.59 -8.47 -4.21
C SER A 93 5.45 -7.48 -3.38
C SER A 93 5.45 -7.47 -3.45
N GLY A 94 6.71 -7.81 -3.23
CA GLY A 94 7.51 -6.89 -2.44
C GLY A 94 8.98 -7.22 -2.44
N GLN A 95 9.67 -6.85 -1.37
CA GLN A 95 11.07 -7.20 -1.32
C GLN A 95 11.54 -7.38 0.11
N TYR A 96 12.54 -8.25 0.24
CA TYR A 96 13.21 -8.55 1.50
C TYR A 96 14.35 -7.55 1.65
N VAL A 97 14.38 -6.84 2.79
CA VAL A 97 15.44 -5.88 3.11
C VAL A 97 16.18 -6.41 4.32
N GLY A 98 17.42 -6.85 4.13
CA GLY A 98 18.16 -7.47 5.21
C GLY A 98 18.78 -6.45 6.13
N GLY A 99 19.45 -6.95 7.16
CA GLY A 99 20.23 -6.08 8.01
C GLY A 99 19.74 -5.94 9.43
N ALA A 100 19.80 -4.70 9.95
CA ALA A 100 19.58 -4.39 11.35
C ALA A 100 18.31 -5.08 11.86
N GLU A 101 17.16 -4.58 11.43
CA GLU A 101 15.90 -5.29 11.61
C GLU A 101 15.44 -5.70 10.21
N ALA A 102 15.69 -6.97 9.85
CA ALA A 102 15.24 -7.46 8.55
C ALA A 102 13.73 -7.34 8.42
N ARG A 103 13.27 -7.22 7.18
CA ARG A 103 11.90 -6.80 6.96
C ARG A 103 11.53 -7.25 5.55
N ILE A 104 10.26 -7.63 5.36
CA ILE A 104 9.72 -7.83 4.01
C ILE A 104 8.60 -6.83 3.81
N ASN A 105 8.81 -5.86 2.93
CA ASN A 105 7.82 -4.84 2.63
C ASN A 105 7.01 -5.30 1.44
N THR A 106 5.67 -5.30 1.55
CA THR A 106 4.86 -5.76 0.45
C THR A 106 3.68 -4.84 0.16
N GLN A 107 3.19 -4.95 -1.07
CA GLN A 107 1.85 -4.53 -1.43
C GLN A 107 1.11 -5.78 -1.88
N TRP A 108 -0.20 -5.79 -1.74
CA TRP A 108 -0.93 -7.01 -2.07
C TRP A 108 -2.24 -6.69 -2.78
N LEU A 109 -2.73 -7.71 -3.50
CA LEU A 109 -3.97 -7.64 -4.26
C LEU A 109 -4.79 -8.85 -3.87
N LEU A 110 -5.99 -8.62 -3.38
N LEU A 110 -6.03 -8.64 -3.40
CA LEU A 110 -6.92 -9.68 -3.01
CA LEU A 110 -6.91 -9.72 -2.96
C LEU A 110 -8.02 -9.68 -4.06
C LEU A 110 -8.11 -9.76 -3.92
N THR A 111 -8.21 -10.81 -4.75
CA THR A 111 -9.28 -10.94 -5.73
C THR A 111 -10.32 -11.92 -5.23
N ILE A 112 -11.59 -11.51 -5.30
CA ILE A 112 -12.68 -12.41 -4.90
C ILE A 112 -13.36 -12.96 -6.14
N GLY A 113 -13.69 -14.24 -6.11
CA GLY A 113 -14.47 -14.81 -7.20
C GLY A 113 -15.71 -13.98 -7.41
N ALA A 114 -15.98 -13.56 -8.65
CA ALA A 114 -17.16 -12.73 -8.88
C ALA A 114 -17.76 -13.06 -10.22
N THR A 115 -19.03 -12.68 -10.40
CA THR A 115 -19.56 -12.65 -11.75
C THR A 115 -18.88 -11.54 -12.55
N GLU A 116 -18.84 -11.70 -13.89
CA GLU A 116 -18.19 -10.67 -14.70
C GLU A 116 -18.85 -9.32 -14.50
N ALA A 117 -20.15 -9.31 -14.16
CA ALA A 117 -20.86 -8.07 -13.89
C ALA A 117 -20.35 -7.38 -12.62
N ASN A 118 -19.96 -8.15 -11.60
CA ASN A 118 -19.45 -7.60 -10.35
C ASN A 118 -17.93 -7.53 -10.33
N GLY A 119 -17.29 -7.83 -11.48
CA GLY A 119 -15.86 -7.87 -11.53
C GLY A 119 -15.21 -6.56 -11.16
N TRP A 120 -15.89 -5.43 -11.42
CA TRP A 120 -15.30 -4.12 -11.16
C TRP A 120 -14.94 -3.96 -9.68
N ALA A 121 -15.68 -4.64 -8.79
CA ALA A 121 -15.54 -4.53 -7.35
C ALA A 121 -14.80 -5.75 -6.76
N SER A 122 -14.10 -6.50 -7.60
CA SER A 122 -13.60 -7.82 -7.18
C SER A 122 -12.21 -7.79 -6.58
N THR A 123 -11.52 -6.63 -6.52
CA THR A 123 -10.12 -6.61 -6.11
C THR A 123 -9.86 -5.55 -5.06
N TYR A 124 -9.34 -5.99 -3.92
CA TYR A 124 -8.85 -5.16 -2.83
C TYR A 124 -7.35 -4.96 -2.97
N VAL A 125 -6.87 -3.81 -2.54
CA VAL A 125 -5.43 -3.56 -2.52
C VAL A 125 -5.02 -3.13 -1.11
N GLY A 126 -3.79 -3.49 -0.73
CA GLY A 126 -3.32 -3.09 0.58
C GLY A 126 -1.80 -3.22 0.64
N HIS A 127 -1.29 -3.14 1.86
CA HIS A 127 0.14 -3.26 2.07
C HIS A 127 0.40 -3.91 3.43
N ASP A 128 1.33 -4.87 3.44
CA ASP A 128 1.72 -5.58 4.65
C ASP A 128 3.25 -5.45 4.80
N THR A 129 3.68 -5.20 6.02
N THR A 129 3.71 -5.13 6.00
CA THR A 129 5.10 -5.21 6.36
CA THR A 129 5.15 -5.20 6.30
C THR A 129 5.37 -6.35 7.33
C THR A 129 5.38 -6.32 7.32
N PHE A 130 6.32 -7.21 6.99
CA PHE A 130 6.63 -8.37 7.81
C PHE A 130 7.97 -8.20 8.49
N THR A 131 8.03 -8.65 9.75
CA THR A 131 9.26 -8.75 10.51
C THR A 131 9.24 -10.08 11.25
N LYS A 132 10.40 -10.47 11.79
CA LYS A 132 10.48 -11.75 12.49
C LYS A 132 10.06 -11.62 13.95
N VAL A 133 9.54 -10.47 14.36
CA VAL A 133 9.19 -10.24 15.76
C VAL A 133 7.76 -10.71 16.00
N LYS A 134 7.61 -11.74 16.84
CA LYS A 134 6.31 -12.23 17.26
C LYS A 134 5.52 -11.10 17.93
N PRO A 135 4.33 -10.74 17.44
CA PRO A 135 3.49 -9.63 17.91
C PRO A 135 3.43 -9.49 19.44
N ALA B 15 -13.83 17.62 9.54
CA ALA B 15 -13.85 18.52 10.70
C ALA B 15 -12.43 18.78 11.26
N GLY B 16 -11.71 17.70 11.58
CA GLY B 16 -10.31 17.73 11.96
C GLY B 16 -9.35 17.63 10.80
N ILE B 17 -9.85 17.75 9.57
CA ILE B 17 -9.00 17.50 8.40
C ILE B 17 -8.11 18.71 8.10
N THR B 18 -8.68 19.91 8.20
CA THR B 18 -7.96 21.12 7.81
C THR B 18 -6.69 21.30 8.61
N GLY B 19 -5.60 21.61 7.92
CA GLY B 19 -4.36 21.92 8.58
C GLY B 19 -3.20 21.28 7.86
N THR B 20 -2.11 21.11 8.59
CA THR B 20 -0.86 20.57 8.05
C THR B 20 -0.64 19.14 8.53
N TRP B 21 -0.35 18.26 7.58
CA TRP B 21 -0.12 16.85 7.80
C TRP B 21 1.22 16.48 7.20
N TYR B 22 1.82 15.39 7.72
CA TYR B 22 3.13 14.94 7.27
C TYR B 22 3.06 13.45 7.05
N ASN B 23 3.69 12.95 6.00
CA ASN B 23 3.74 11.51 5.85
C ASN B 23 5.11 10.96 6.23
N GLN B 24 5.28 9.65 6.06
CA GLN B 24 6.51 8.99 6.50
C GLN B 24 7.74 9.40 5.69
N LEU B 25 7.58 9.96 4.49
CA LEU B 25 8.73 10.49 3.73
C LEU B 25 9.14 11.89 4.16
N GLY B 26 8.39 12.52 5.06
CA GLY B 26 8.62 13.92 5.39
C GLY B 26 7.93 14.90 4.48
N SER B 27 7.11 14.43 3.56
CA SER B 27 6.34 15.33 2.71
C SER B 27 5.30 16.09 3.54
N THR B 28 4.91 17.27 3.04
CA THR B 28 4.05 18.17 3.81
C THR B 28 2.77 18.40 3.01
N PHE B 29 1.64 18.04 3.62
CA PHE B 29 0.30 18.10 3.02
C PHE B 29 -0.47 19.19 3.77
N ILE B 30 -0.77 20.29 3.09
CA ILE B 30 -1.48 21.44 3.67
C ILE B 30 -2.83 21.52 2.98
N VAL B 31 -3.90 21.34 3.76
CA VAL B 31 -5.22 21.11 3.19
C VAL B 31 -6.27 21.89 3.97
N THR B 32 -7.28 22.35 3.24
CA THR B 32 -8.49 22.93 3.83
C THR B 32 -9.70 22.13 3.37
N ALA B 33 -10.51 21.68 4.32
CA ALA B 33 -11.72 20.93 4.02
C ALA B 33 -12.89 21.90 4.05
N GLY B 34 -13.44 22.21 2.89
CA GLY B 34 -14.52 23.18 2.81
C GLY B 34 -15.88 22.56 3.07
N ALA B 35 -16.87 23.41 3.34
CA ALA B 35 -18.19 22.90 3.72
C ALA B 35 -18.89 22.15 2.57
N ASP B 36 -18.50 22.41 1.33
CA ASP B 36 -19.10 21.78 0.16
C ASP B 36 -18.51 20.40 -0.19
N GLY B 37 -17.72 19.78 0.70
CA GLY B 37 -16.99 18.56 0.38
C GLY B 37 -15.66 18.76 -0.34
N ALA B 38 -15.23 20.01 -0.55
CA ALA B 38 -14.00 20.25 -1.31
C ALA B 38 -12.75 20.14 -0.43
N LEU B 39 -11.69 19.59 -1.02
CA LEU B 39 -10.34 19.66 -0.47
C LEU B 39 -9.53 20.58 -1.36
N THR B 40 -8.84 21.54 -0.76
CA THR B 40 -7.94 22.43 -1.49
C THR B 40 -6.66 22.61 -0.68
N GLY B 41 -5.53 22.76 -1.37
CA GLY B 41 -4.32 23.06 -0.61
C GLY B 41 -3.06 22.98 -1.43
N THR B 42 -1.97 22.63 -0.73
CA THR B 42 -0.66 22.51 -1.34
C THR B 42 0.00 21.22 -0.84
N TYR B 43 0.86 20.71 -1.68
CA TYR B 43 1.61 19.49 -1.39
C TYR B 43 3.07 19.80 -1.66
N GLU B 44 3.93 19.42 -0.73
CA GLU B 44 5.37 19.55 -0.89
C GLU B 44 5.96 18.17 -0.69
N SER B 45 6.55 17.61 -1.74
CA SER B 45 7.03 16.23 -1.71
C SER B 45 8.49 16.20 -1.33
N ALA B 46 8.82 15.33 -0.40
CA ALA B 46 10.21 15.21 0.00
C ALA B 46 10.95 14.19 -0.86
N ALA B 47 10.26 13.57 -1.80
CA ALA B 47 10.80 12.54 -2.68
C ALA B 47 10.46 12.87 -4.12
N GLY B 48 11.30 12.39 -5.04
CA GLY B 48 10.99 12.43 -6.46
C GLY B 48 11.26 13.77 -7.13
N LYS B 49 10.71 13.87 -8.35
CA LYS B 49 10.98 15.00 -9.23
C LYS B 49 10.03 16.13 -8.84
N ALA B 50 10.34 16.74 -7.70
CA ALA B 50 9.45 17.74 -7.12
C ALA B 50 10.25 18.75 -6.32
N GLU B 51 9.86 20.02 -6.45
CA GLU B 51 10.47 21.03 -5.62
C GLU B 51 9.40 22.04 -5.27
N SER B 52 9.41 22.48 -4.01
CA SER B 52 8.51 23.52 -3.52
C SER B 52 7.07 23.00 -3.54
N ARG B 53 6.08 23.90 -3.54
CA ARG B 53 4.69 23.49 -3.36
C ARG B 53 3.99 23.25 -4.70
N TYR B 54 3.01 22.36 -4.68
CA TYR B 54 2.14 22.08 -5.81
C TYR B 54 0.71 22.21 -5.36
N VAL B 55 -0.15 22.73 -6.26
CA VAL B 55 -1.60 22.74 -6.03
C VAL B 55 -2.15 21.33 -5.92
N LEU B 56 -3.06 21.15 -4.96
CA LEU B 56 -3.89 19.94 -4.89
C LEU B 56 -5.36 20.32 -4.79
N THR B 57 -6.21 19.42 -5.28
N THR B 57 -6.21 19.46 -5.35
CA THR B 57 -7.64 19.57 -5.09
CA THR B 57 -7.64 19.51 -5.14
C THR B 57 -8.23 18.17 -4.97
C THR B 57 -8.12 18.11 -4.80
N GLY B 58 -9.28 18.04 -4.15
CA GLY B 58 -9.86 16.74 -3.92
C GLY B 58 -11.24 16.88 -3.33
N ARG B 59 -11.75 15.75 -2.84
CA ARG B 59 -13.08 15.72 -2.28
C ARG B 59 -13.05 14.89 -0.99
N TYR B 60 -13.97 15.18 -0.08
CA TYR B 60 -14.11 14.34 1.10
C TYR B 60 -15.60 14.23 1.43
N ASP B 61 -15.95 13.16 2.12
CA ASP B 61 -17.33 12.93 2.59
C ASP B 61 -17.65 13.96 3.67
N SER B 62 -18.49 14.95 3.34
CA SER B 62 -18.79 15.99 4.33
C SER B 62 -19.85 15.58 5.33
N ALA B 63 -20.38 14.35 5.24
CA ALA B 63 -21.41 13.87 6.18
C ALA B 63 -21.13 12.41 6.50
N PRO B 64 -20.00 12.12 7.16
CA PRO B 64 -19.59 10.72 7.30
C PRO B 64 -20.49 9.98 8.29
N ALA B 65 -20.34 8.67 8.25
CA ALA B 65 -21.11 7.79 9.12
C ALA B 65 -20.85 8.17 10.57
N THR B 66 -21.84 7.95 11.43
CA THR B 66 -21.65 8.19 12.85
C THR B 66 -21.47 6.87 13.59
N ASP B 67 -20.79 5.91 12.97
CA ASP B 67 -20.62 4.60 13.58
C ASP B 67 -19.17 4.31 13.92
N GLY B 68 -18.31 5.33 13.90
CA GLY B 68 -16.91 5.18 14.22
C GLY B 68 -16.04 5.00 13.02
N SER B 69 -16.64 4.85 11.83
CA SER B 69 -15.91 4.78 10.56
C SER B 69 -15.13 6.06 10.29
N GLY B 70 -14.02 5.91 9.57
CA GLY B 70 -13.30 7.06 9.07
C GLY B 70 -14.10 7.85 8.05
N THR B 71 -13.54 8.97 7.64
CA THR B 71 -14.11 9.84 6.61
C THR B 71 -13.40 9.62 5.29
N ALA B 72 -14.13 9.12 4.28
CA ALA B 72 -13.51 8.83 3.00
C ALA B 72 -13.12 10.11 2.28
N LEU B 73 -11.98 10.07 1.57
CA LEU B 73 -11.51 11.27 0.88
C LEU B 73 -10.51 10.90 -0.20
N GLY B 74 -10.16 11.89 -1.03
CA GLY B 74 -9.06 11.71 -1.96
C GLY B 74 -8.62 13.04 -2.52
N TRP B 75 -7.41 13.08 -3.10
CA TRP B 75 -6.96 14.31 -3.74
C TRP B 75 -5.94 13.97 -4.82
N THR B 76 -5.69 14.96 -5.70
CA THR B 76 -4.78 14.83 -6.83
C THR B 76 -3.76 15.95 -6.79
N VAL B 77 -2.52 15.61 -7.13
CA VAL B 77 -1.50 16.59 -7.47
C VAL B 77 -1.02 16.31 -8.87
N ALA B 78 -1.04 17.32 -9.75
CA ALA B 78 -0.27 17.27 -10.99
C ALA B 78 1.07 17.92 -10.72
N TRP B 79 2.17 17.24 -11.10
CA TRP B 79 3.50 17.63 -10.64
C TRP B 79 4.11 18.73 -11.52
N LYS B 80 3.33 19.79 -11.74
CA LYS B 80 3.73 20.98 -12.48
C LYS B 80 3.50 22.18 -11.56
N ASN B 81 4.50 23.03 -11.41
CA ASN B 81 4.31 24.31 -10.73
C ASN B 81 5.14 25.33 -11.49
N ASN B 82 5.38 26.49 -10.90
CA ASN B 82 6.08 27.52 -11.65
C ASN B 82 7.55 27.19 -11.85
N TYR B 83 8.09 26.25 -11.08
CA TYR B 83 9.50 25.90 -11.12
C TYR B 83 9.82 24.70 -12.02
N ARG B 84 8.89 23.76 -12.18
CA ARG B 84 9.25 22.55 -12.91
C ARG B 84 8.00 21.77 -13.28
N ASN B 85 8.16 20.84 -14.21
CA ASN B 85 7.04 20.03 -14.71
C ASN B 85 7.57 18.62 -14.85
N ALA B 86 7.09 17.70 -14.01
CA ALA B 86 7.49 16.30 -14.04
C ALA B 86 6.54 15.42 -14.88
N HIS B 87 5.64 16.03 -15.69
CA HIS B 87 4.74 15.29 -16.58
C HIS B 87 4.13 14.06 -15.91
N SER B 88 3.52 14.29 -14.75
CA SER B 88 2.99 13.16 -14.00
C SER B 88 1.97 13.70 -13.01
N ALA B 89 1.23 12.78 -12.41
CA ALA B 89 0.23 13.16 -11.41
C ALA B 89 0.05 12.01 -10.44
N THR B 90 -0.17 12.35 -9.17
CA THR B 90 -0.49 11.39 -8.13
C THR B 90 -1.90 11.64 -7.58
N THR B 91 -2.67 10.57 -7.40
CA THR B 91 -3.89 10.65 -6.59
C THR B 91 -3.71 9.81 -5.35
N TRP B 92 -4.23 10.32 -4.23
CA TRP B 92 -4.24 9.62 -2.95
C TRP B 92 -5.69 9.36 -2.64
N SER B 93 -6.01 8.12 -2.27
CA SER B 93 -7.37 7.74 -1.90
C SER B 93 -7.27 7.18 -0.48
N GLY B 94 -8.14 7.62 0.43
CA GLY B 94 -7.98 7.15 1.79
C GLY B 94 -9.05 7.65 2.72
N GLN B 95 -8.70 7.71 4.00
CA GLN B 95 -9.67 8.21 4.93
C GLN B 95 -9.00 8.81 6.14
N TYR B 96 -9.70 9.82 6.68
CA TYR B 96 -9.32 10.50 7.90
C TYR B 96 -9.89 9.72 9.08
N VAL B 97 -9.05 9.42 10.06
CA VAL B 97 -9.49 8.81 11.29
C VAL B 97 -9.12 9.75 12.43
N GLY B 98 -10.13 10.36 13.04
CA GLY B 98 -9.91 11.30 14.11
C GLY B 98 -9.44 10.60 15.38
N GLY B 99 -9.13 11.41 16.39
CA GLY B 99 -8.84 10.85 17.69
C GLY B 99 -7.54 11.35 18.24
N ALA B 100 -7.05 10.66 19.29
CA ALA B 100 -5.85 11.13 19.99
C ALA B 100 -4.65 11.15 19.06
N GLU B 101 -4.54 10.14 18.20
CA GLU B 101 -3.48 10.05 17.20
C GLU B 101 -4.15 10.09 15.83
N ALA B 102 -4.69 11.26 15.46
CA ALA B 102 -5.40 11.41 14.18
C ALA B 102 -4.49 11.01 13.02
N ARG B 103 -5.08 10.36 12.01
CA ARG B 103 -4.26 10.06 10.86
C ARG B 103 -5.12 10.08 9.61
N ILE B 104 -4.48 10.32 8.47
CA ILE B 104 -5.09 10.07 7.17
C ILE B 104 -4.32 8.93 6.52
N ASN B 105 -4.96 7.79 6.38
CA ASN B 105 -4.35 6.60 5.81
C ASN B 105 -4.69 6.60 4.33
N THR B 106 -3.68 6.48 3.48
CA THR B 106 -3.95 6.54 2.04
C THR B 106 -3.21 5.45 1.30
N GLN B 107 -3.76 5.14 0.13
CA GLN B 107 -3.01 4.50 -0.93
C GLN B 107 -2.93 5.48 -2.08
N TRP B 108 -1.92 5.36 -2.91
CA TRP B 108 -1.81 6.34 -3.99
C TRP B 108 -1.42 5.68 -5.31
N LEU B 109 -1.73 6.38 -6.41
CA LEU B 109 -1.37 5.95 -7.75
C LEU B 109 -0.67 7.15 -8.41
N LEU B 110 0.55 6.95 -8.86
N LEU B 110 0.53 6.94 -8.94
CA LEU B 110 1.27 7.96 -9.60
CA LEU B 110 1.31 8.00 -9.58
C LEU B 110 1.30 7.52 -11.05
C LEU B 110 1.45 7.61 -11.06
N THR B 111 0.78 8.34 -11.96
CA THR B 111 0.82 8.02 -13.38
C THR B 111 1.78 8.98 -14.08
N ILE B 112 2.69 8.43 -14.90
CA ILE B 112 3.58 9.29 -15.67
C ILE B 112 3.09 9.39 -17.12
N GLY B 113 3.31 10.55 -17.74
CA GLY B 113 3.05 10.65 -19.17
C GLY B 113 3.89 9.63 -19.91
N ALA B 114 3.30 8.91 -20.87
CA ALA B 114 4.00 7.80 -21.52
C ALA B 114 3.47 7.60 -22.93
N THR B 115 4.33 7.11 -23.82
CA THR B 115 3.80 6.66 -25.11
C THR B 115 2.94 5.43 -24.89
N GLU B 116 2.10 5.14 -25.89
CA GLU B 116 1.29 3.94 -25.85
C GLU B 116 2.16 2.72 -25.61
N ALA B 117 3.37 2.71 -26.21
CA ALA B 117 4.29 1.59 -26.08
C ALA B 117 4.65 1.32 -24.63
N ASN B 118 4.84 2.38 -23.85
CA ASN B 118 5.32 2.30 -22.49
C ASN B 118 4.22 2.42 -21.47
N GLY B 119 2.97 2.41 -21.93
CA GLY B 119 1.83 2.57 -21.04
C GLY B 119 1.80 1.54 -19.93
N TRP B 120 2.21 0.29 -20.22
CA TRP B 120 2.13 -0.77 -19.20
C TRP B 120 2.92 -0.42 -17.94
N ALA B 121 4.03 0.31 -18.10
CA ALA B 121 4.93 0.69 -17.03
C ALA B 121 4.69 2.10 -16.53
N SER B 122 3.52 2.69 -16.80
CA SER B 122 3.34 4.11 -16.52
C SER B 122 2.75 4.45 -15.15
N THR B 123 2.44 3.47 -14.26
CA THR B 123 1.74 3.79 -13.02
C THR B 123 2.44 3.11 -11.83
N TYR B 124 2.82 3.91 -10.85
CA TYR B 124 3.38 3.40 -9.61
C TYR B 124 2.26 3.36 -8.57
N VAL B 125 2.42 2.47 -7.58
CA VAL B 125 1.43 2.39 -6.51
C VAL B 125 2.18 2.42 -5.20
N GLY B 126 1.55 3.00 -4.20
CA GLY B 126 2.20 3.02 -2.89
C GLY B 126 1.17 3.39 -1.83
N HIS B 127 1.70 3.70 -0.65
CA HIS B 127 0.85 4.04 0.48
C HIS B 127 1.57 5.06 1.35
N ASP B 128 0.81 6.07 1.80
CA ASP B 128 1.30 7.13 2.66
C ASP B 128 0.39 7.21 3.86
N THR B 129 0.97 7.27 5.04
CA THR B 129 0.23 7.56 6.27
C THR B 129 0.58 8.98 6.73
N PHE B 130 -0.43 9.83 6.84
CA PHE B 130 -0.27 11.20 7.29
C PHE B 130 -0.66 11.31 8.75
N THR B 131 0.17 11.99 9.52
CA THR B 131 -0.12 12.31 10.90
C THR B 131 0.09 13.81 11.11
N LYS B 132 -0.30 14.30 12.29
CA LYS B 132 -0.15 15.70 12.67
C LYS B 132 1.25 16.04 13.16
N VAL B 133 2.10 15.04 13.38
CA VAL B 133 3.45 15.22 13.89
C VAL B 133 4.43 14.59 12.90
N LYS B 134 5.52 15.30 12.60
CA LYS B 134 6.52 14.77 11.67
C LYS B 134 7.20 13.53 12.25
N PRO B 135 7.38 12.47 11.44
CA PRO B 135 8.13 11.31 11.92
C PRO B 135 9.65 11.55 11.95
#